data_2PXQ
#
_entry.id   2PXQ
#
_cell.length_a   132.641
_cell.length_b   77.577
_cell.length_c   32.551
_cell.angle_alpha   90.00
_cell.angle_beta   95.13
_cell.angle_gamma   90.00
#
_symmetry.space_group_name_H-M   'C 1 2 1'
#
loop_
_entity.id
_entity.type
_entity.pdbx_description
1 polymer 'Signal recognition particle protein'
2 polymer '4.5 S RNA'
3 non-polymer 'COBALT HEXAMMINE(III)'
#
loop_
_entity_poly.entity_id
_entity_poly.type
_entity_poly.pdbx_seq_one_letter_code
_entity_poly.pdbx_strand_id
1 'polypeptide(L)'
;FDLNDFLEQLRQMKN(MSE)GG(MSE)ASL(MSE)GKLPG(MSE)GQIPDNVKSQ(MSE)DDKVLVR(MSE)EAIINS
(MSE)T(MSE)KERAKPEIIKGSRKRRIAAGSG(MSE)QVQDVNRLLKQFDD(MSE)QR(MSE)(MSE)KK(MSE)
;
A
2 'polyribonucleotide' GGGCCUGUUUACCAGGUCAGGUCCGAAAGGAAGCAGCCAAGGCAGGUCC B
#
# COMPACT_ATOMS: atom_id res chain seq x y z
N PHE A 1 9.09 -5.28 -9.92
CA PHE A 1 8.98 -4.66 -8.56
C PHE A 1 7.50 -4.41 -8.23
N ASP A 2 7.05 -4.90 -7.08
CA ASP A 2 5.67 -4.75 -6.64
C ASP A 2 5.54 -4.55 -5.13
N LEU A 3 4.30 -4.41 -4.65
CA LEU A 3 4.03 -4.23 -3.22
C LEU A 3 4.65 -5.31 -2.34
N ASN A 4 5.23 -6.32 -2.97
CA ASN A 4 5.86 -7.38 -2.22
C ASN A 4 7.33 -7.01 -2.08
N ASP A 5 8.00 -6.86 -3.21
CA ASP A 5 9.40 -6.49 -3.20
C ASP A 5 9.48 -5.28 -2.30
N PHE A 6 8.63 -4.30 -2.58
CA PHE A 6 8.61 -3.07 -1.79
C PHE A 6 8.41 -3.37 -0.31
N LEU A 7 7.78 -4.50 -0.01
CA LEU A 7 7.57 -4.85 1.39
C LEU A 7 8.88 -5.35 1.96
N GLU A 8 9.70 -5.98 1.12
CA GLU A 8 11.00 -6.49 1.55
C GLU A 8 11.72 -5.32 2.24
N GLN A 9 11.58 -4.15 1.64
CA GLN A 9 12.17 -2.94 2.18
C GLN A 9 11.21 -2.39 3.24
N LYS A 43 9.31 3.65 15.53
CA LYS A 43 9.47 3.59 14.04
C LYS A 43 8.11 3.69 13.34
N VAL A 44 8.13 4.26 12.13
CA VAL A 44 6.90 4.41 11.35
C VAL A 44 6.82 3.28 10.33
N LEU A 45 7.95 2.64 10.06
CA LEU A 45 7.98 1.54 9.12
C LEU A 45 6.97 0.46 9.55
N VAL A 46 6.76 0.36 10.86
CA VAL A 46 5.82 -0.63 11.42
C VAL A 46 4.49 -0.56 10.70
N ARG A 47 4.04 0.68 10.44
CA ARG A 47 2.77 0.92 9.77
C ARG A 47 2.87 0.76 8.26
N GLU A 49 3.85 -1.63 7.12
CA GLU A 49 3.44 -3.02 7.08
C GLU A 49 1.94 -3.06 7.29
N ALA A 50 1.52 -2.83 8.53
CA ALA A 50 0.10 -2.82 8.90
C ALA A 50 -0.79 -2.63 7.67
N ILE A 51 -0.47 -1.63 6.86
CA ILE A 51 -1.21 -1.33 5.64
C ILE A 51 -1.09 -2.51 4.64
N ILE A 52 0.08 -2.66 4.03
CA ILE A 52 0.30 -3.75 3.07
C ILE A 52 -0.22 -5.08 3.63
N ASN A 53 0.02 -5.35 4.91
CA ASN A 53 -0.46 -6.60 5.49
C ASN A 53 -1.97 -6.77 5.41
N SER A 54 -2.69 -5.69 5.10
CA SER A 54 -4.14 -5.75 4.99
C SER A 54 -4.63 -6.04 3.57
N THR A 56 -4.51 -7.89 -0.51
CA THR A 56 -4.69 -9.20 -1.11
C THR A 56 -3.49 -9.47 -2.01
N LYS A 58 -3.40 -10.17 -4.91
CA LYS A 58 -3.60 -9.49 -6.20
C LYS A 58 -3.27 -8.00 -6.10
N GLU A 59 -3.70 -7.36 -5.01
CA GLU A 59 -3.41 -5.96 -4.84
C GLU A 59 -1.90 -5.78 -4.80
N ARG A 60 -1.23 -6.54 -3.95
CA ARG A 60 0.22 -6.45 -3.85
C ARG A 60 0.86 -6.73 -5.19
N ALA A 61 0.23 -7.59 -5.98
CA ALA A 61 0.74 -7.97 -7.29
C ALA A 61 0.37 -7.00 -8.42
N LYS A 62 -0.47 -6.01 -8.13
CA LYS A 62 -0.87 -5.04 -9.14
C LYS A 62 -1.67 -3.91 -8.50
N PRO A 63 -0.97 -2.99 -7.83
CA PRO A 63 -1.54 -1.81 -7.14
C PRO A 63 -2.42 -0.93 -8.00
N GLU A 64 -2.14 -0.88 -9.30
CA GLU A 64 -2.90 -0.04 -10.20
C GLU A 64 -4.40 -0.25 -10.18
N ILE A 65 -4.89 -0.99 -9.19
CA ILE A 65 -6.33 -1.25 -9.07
C ILE A 65 -6.82 -0.83 -7.68
N ILE A 66 -5.90 -0.38 -6.83
CA ILE A 66 -6.24 0.02 -5.47
C ILE A 66 -7.12 1.27 -5.38
N LYS A 67 -8.39 1.13 -5.75
CA LYS A 67 -9.32 2.25 -5.71
C LYS A 67 -9.96 2.61 -4.36
N GLY A 68 -10.88 3.56 -4.40
CA GLY A 68 -11.56 4.00 -3.18
C GLY A 68 -12.04 2.84 -2.32
N SER A 69 -13.03 2.10 -2.83
CA SER A 69 -13.61 0.98 -2.11
C SER A 69 -12.54 0.13 -1.49
N ARG A 70 -11.54 -0.21 -2.30
CA ARG A 70 -10.49 -1.03 -1.77
C ARG A 70 -9.75 -0.25 -0.70
N LYS A 71 -9.30 0.97 -1.05
CA LYS A 71 -8.58 1.82 -0.09
C LYS A 71 -9.33 1.82 1.23
N ARG A 72 -10.54 2.38 1.22
CA ARG A 72 -11.35 2.41 2.43
C ARG A 72 -11.17 1.11 3.21
N ARG A 73 -11.23 -0.03 2.53
CA ARG A 73 -11.06 -1.31 3.20
C ARG A 73 -9.72 -1.41 3.89
N ILE A 74 -8.66 -1.12 3.14
CA ILE A 74 -7.30 -1.17 3.64
C ILE A 74 -7.06 -0.29 4.87
N ALA A 75 -7.52 0.96 4.80
CA ALA A 75 -7.35 1.89 5.92
C ALA A 75 -7.87 1.25 7.20
N ALA A 76 -9.17 0.99 7.26
CA ALA A 76 -9.78 0.37 8.45
C ALA A 76 -9.15 -1.00 8.71
N GLY A 77 -8.64 -1.62 7.67
CA GLY A 77 -8.00 -2.90 7.83
C GLY A 77 -6.84 -2.75 8.78
N SER A 78 -5.98 -1.77 8.52
CA SER A 78 -4.82 -1.53 9.37
C SER A 78 -4.99 -0.26 10.17
N GLY A 79 -6.16 -0.13 10.80
CA GLY A 79 -6.49 1.01 11.63
C GLY A 79 -5.92 2.37 11.25
N GLN A 81 -5.91 5.91 8.38
CA GLN A 81 -6.84 6.80 7.69
C GLN A 81 -6.59 6.54 6.23
N VAL A 82 -7.58 6.79 5.37
CA VAL A 82 -7.32 6.51 3.99
C VAL A 82 -6.11 7.28 3.50
N GLN A 83 -6.02 8.56 3.84
CA GLN A 83 -4.88 9.37 3.39
C GLN A 83 -3.53 8.76 3.78
N ASP A 84 -3.55 7.85 4.75
CA ASP A 84 -2.33 7.16 5.18
C ASP A 84 -2.01 6.17 4.07
N VAL A 85 -2.99 5.35 3.72
CA VAL A 85 -2.82 4.37 2.65
C VAL A 85 -2.39 5.11 1.40
N ASN A 86 -3.14 6.15 1.07
CA ASN A 86 -2.86 6.95 -0.12
C ASN A 86 -1.39 7.32 -0.16
N ARG A 87 -0.88 7.81 0.96
CA ARG A 87 0.52 8.19 1.06
C ARG A 87 1.41 7.00 0.77
N LEU A 88 1.17 5.89 1.47
CA LEU A 88 1.96 4.67 1.29
C LEU A 88 1.91 4.22 -0.16
N LEU A 89 0.80 4.53 -0.83
CA LEU A 89 0.67 4.15 -2.23
C LEU A 89 1.62 5.05 -3.01
N LYS A 90 1.56 6.35 -2.70
CA LYS A 90 2.42 7.33 -3.35
C LYS A 90 3.89 7.00 -3.11
N GLN A 91 4.24 6.62 -1.88
CA GLN A 91 5.62 6.30 -1.57
C GLN A 91 6.12 5.18 -2.49
N PHE A 92 5.48 4.01 -2.43
CA PHE A 92 5.87 2.89 -3.28
C PHE A 92 5.85 3.38 -4.71
N ASP A 93 4.83 4.17 -5.02
CA ASP A 93 4.69 4.72 -6.35
C ASP A 93 6.04 5.33 -6.68
N ASP A 94 6.47 6.29 -5.87
CA ASP A 94 7.75 6.95 -6.09
C ASP A 94 8.89 6.00 -6.40
N GLN A 96 8.54 2.63 -7.35
CA GLN A 96 8.19 1.86 -8.53
C GLN A 96 8.68 2.67 -9.73
N ARG A 97 8.58 3.99 -9.61
CA ARG A 97 9.03 4.90 -10.65
C ARG A 97 10.53 4.70 -10.85
N LYS A 100 11.11 1.56 -12.60
CA LYS A 100 10.76 1.61 -14.02
C LYS A 100 11.57 2.71 -14.70
N LYS A 101 12.77 2.96 -14.17
CA LYS A 101 13.67 3.98 -14.70
C LYS A 101 14.99 3.95 -13.92
#